data_2KI5
#
_entry.id   2KI5
#
_cell.length_a   114.100
_cell.length_b   117.800
_cell.length_c   108.800
_cell.angle_alpha   90.00
_cell.angle_beta   90.00
_cell.angle_gamma   90.00
#
_symmetry.space_group_name_H-M   'C 2 2 21'
#
loop_
_entity.id
_entity.type
_entity.pdbx_description
1 polymer 'PROTEIN (THYMIDINE KINASE)'
2 non-polymer 'SULFATE ION'
3 non-polymer 9-HYROXYETHOXYMETHYLGUANINE
4 water water
#
_entity_poly.entity_id   1
_entity_poly.type   'polypeptide(L)'
_entity_poly.pdbx_seq_one_letter_code
;SAFDQAARSRGHSNRRTALRPRRQQEATEVRPEQKMPTLLRVYIDGPHGMGKTTTTQLLVALGSRDDIVYVPEPMTYWRV
LGASETIANIYTTQHRLDQGEISAGDAAVVMTSAQITMGMPYAVTDAVLAPHIGGEAGSSHAPPPALTLIFDRHPIAALL
CYPAARYLMGSMTPQAVLAFVALIPPTLPGTNIVLGALPEDRHIDRLAKRQRPGERLDLAMLAAIRRVYGLLANTVRYLQ
CGGSWREDWGQLSGTAVPPQGAEPQSNAGPRPHIGDTLFTLFRAPELLAPNGDLYNVFAWALDVLAKRLRSMHVFILDYD
QSPAGCRDALLQLTSGMVQTHVTTPGSIPTICDLARTFAREMGEAN
;
_entity_poly.pdbx_strand_id   A,B
#
# COMPACT_ATOMS: atom_id res chain seq x y z
N MET A 36 -25.09 12.72 -14.24
CA MET A 36 -24.19 11.69 -14.87
C MET A 36 -24.80 10.29 -14.63
N PRO A 37 -24.55 9.31 -15.54
CA PRO A 37 -25.11 7.97 -15.39
C PRO A 37 -24.72 7.31 -14.08
N THR A 38 -25.30 6.13 -13.84
CA THR A 38 -25.03 5.41 -12.62
C THR A 38 -24.30 4.11 -12.85
N LEU A 39 -23.52 3.71 -11.84
CA LEU A 39 -22.76 2.48 -11.87
C LEU A 39 -23.09 1.68 -10.61
N LEU A 40 -23.04 0.37 -10.75
CA LEU A 40 -23.27 -0.51 -9.62
C LEU A 40 -22.06 -1.46 -9.62
N ARG A 41 -21.20 -1.36 -8.60
CA ARG A 41 -20.03 -2.24 -8.51
C ARG A 41 -20.35 -3.33 -7.48
N VAL A 42 -19.96 -4.56 -7.78
CA VAL A 42 -20.22 -5.70 -6.89
C VAL A 42 -18.97 -6.55 -6.78
N TYR A 43 -18.40 -6.62 -5.59
CA TYR A 43 -17.20 -7.41 -5.43
C TYR A 43 -17.57 -8.78 -4.83
N ILE A 44 -17.32 -9.85 -5.57
CA ILE A 44 -17.63 -11.20 -5.10
C ILE A 44 -16.41 -11.65 -4.34
N ASP A 45 -16.54 -11.81 -3.02
CA ASP A 45 -15.40 -12.21 -2.21
C ASP A 45 -15.69 -13.34 -1.22
N GLY A 46 -14.68 -13.82 -0.52
CA GLY A 46 -14.88 -14.87 0.44
C GLY A 46 -13.79 -15.89 0.32
N PRO A 47 -13.83 -16.97 1.13
CA PRO A 47 -12.80 -17.99 1.05
C PRO A 47 -12.85 -18.62 -0.32
N HIS A 48 -11.70 -19.11 -0.78
CA HIS A 48 -11.61 -19.79 -2.05
C HIS A 48 -12.22 -21.18 -1.94
N GLY A 49 -12.66 -21.72 -3.08
CA GLY A 49 -13.24 -23.05 -3.12
C GLY A 49 -14.73 -23.10 -2.88
N MET A 50 -15.42 -21.97 -2.95
CA MET A 50 -16.85 -21.96 -2.73
C MET A 50 -17.67 -21.91 -4.00
N GLY A 51 -17.01 -21.72 -5.13
CA GLY A 51 -17.70 -21.65 -6.40
C GLY A 51 -17.90 -20.22 -6.88
N LYS A 52 -17.16 -19.26 -6.33
CA LYS A 52 -17.26 -17.84 -6.71
C LYS A 52 -17.14 -17.56 -8.19
N THR A 53 -15.94 -17.79 -8.74
CA THR A 53 -15.69 -17.54 -10.16
C THR A 53 -16.82 -18.19 -10.94
N THR A 54 -16.95 -19.50 -10.75
CA THR A 54 -17.98 -20.30 -11.39
C THR A 54 -19.34 -19.58 -11.48
N THR A 55 -19.89 -19.13 -10.34
CA THR A 55 -21.21 -18.47 -10.35
C THR A 55 -21.24 -17.07 -10.91
N THR A 56 -20.10 -16.38 -10.91
CA THR A 56 -20.06 -15.02 -11.46
C THR A 56 -20.17 -15.08 -12.98
N GLN A 57 -19.46 -16.03 -13.59
CA GLN A 57 -19.48 -16.23 -15.04
C GLN A 57 -20.90 -16.53 -15.52
N LEU A 58 -21.67 -17.18 -14.65
CA LEU A 58 -23.04 -17.57 -14.88
C LEU A 58 -23.97 -16.35 -15.01
N LEU A 59 -23.47 -15.18 -14.62
CA LEU A 59 -24.26 -13.96 -14.67
C LEU A 59 -24.08 -13.24 -16.01
N VAL A 60 -22.92 -13.12 -16.46
N ASP A 67 -24.78 -4.64 -20.69
CA ASP A 67 -24.38 -3.62 -19.69
C ASP A 67 -24.02 -4.27 -18.34
N ILE A 68 -23.03 -5.17 -18.41
CA ILE A 68 -22.56 -5.89 -17.24
C ILE A 68 -21.26 -6.56 -17.64
N VAL A 69 -20.16 -6.04 -17.09
CA VAL A 69 -18.83 -6.56 -17.38
C VAL A 69 -18.32 -7.29 -16.14
N TYR A 70 -17.46 -8.26 -16.40
CA TYR A 70 -16.90 -9.10 -15.36
C TYR A 70 -15.38 -8.89 -15.31
N VAL A 71 -14.89 -8.36 -14.18
CA VAL A 71 -13.44 -8.20 -14.02
C VAL A 71 -13.08 -9.52 -13.32
N PRO A 72 -12.43 -10.44 -14.06
CA PRO A 72 -12.00 -11.78 -13.65
C PRO A 72 -10.81 -11.88 -12.71
N GLU A 73 -10.51 -13.12 -12.34
CA GLU A 73 -9.41 -13.44 -11.45
C GLU A 73 -8.11 -13.29 -12.24
N PRO A 74 -7.21 -12.40 -11.79
CA PRO A 74 -5.92 -12.16 -12.47
C PRO A 74 -4.93 -13.30 -12.50
N MET A 75 -5.40 -14.48 -12.91
CA MET A 75 -4.56 -15.67 -12.95
C MET A 75 -3.26 -15.52 -13.75
N THR A 76 -3.30 -14.81 -14.89
CA THR A 76 -2.08 -14.63 -15.70
C THR A 76 -1.01 -13.79 -14.99
N TYR A 77 -1.45 -12.83 -14.19
CA TYR A 77 -0.52 -11.97 -13.45
C TYR A 77 0.19 -12.86 -12.40
N TRP A 78 -0.61 -13.64 -11.69
CA TRP A 78 -0.09 -14.56 -10.66
C TRP A 78 0.87 -15.62 -11.19
N ARG A 79 0.53 -16.23 -12.32
CA ARG A 79 1.36 -17.25 -12.92
C ARG A 79 2.54 -16.79 -13.74
N VAL A 80 2.40 -15.65 -14.45
CA VAL A 80 3.47 -15.17 -15.31
C VAL A 80 3.84 -13.68 -15.26
N LEU A 81 2.86 -12.78 -15.37
CA LEU A 81 3.17 -11.34 -15.37
C LEU A 81 3.92 -10.75 -14.16
N GLY A 82 3.31 -10.82 -12.97
CA GLY A 82 3.97 -10.28 -11.78
C GLY A 82 5.13 -11.14 -11.33
N ALA A 83 4.98 -12.45 -11.48
CA ALA A 83 6.01 -13.39 -11.08
C ALA A 83 5.68 -14.77 -11.65
N SER A 84 6.55 -15.72 -11.36
CA SER A 84 6.39 -17.09 -11.82
C SER A 84 5.60 -17.96 -10.82
N GLU A 85 4.39 -18.38 -11.21
CA GLU A 85 3.57 -19.26 -10.39
C GLU A 85 3.50 -18.88 -8.90
N THR A 86 2.95 -17.71 -8.61
CA THR A 86 2.85 -17.24 -7.23
C THR A 86 2.02 -18.15 -6.31
N ILE A 87 0.89 -18.65 -6.80
CA ILE A 87 0.06 -19.51 -6.00
C ILE A 87 0.82 -20.75 -5.57
N ALA A 88 1.63 -21.28 -6.49
CA ALA A 88 2.43 -22.46 -6.21
C ALA A 88 3.46 -22.10 -5.15
N ASN A 89 4.06 -20.91 -5.31
CA ASN A 89 5.05 -20.42 -4.37
C ASN A 89 4.45 -20.30 -2.95
N ILE A 90 3.22 -19.79 -2.86
CA ILE A 90 2.51 -19.63 -1.60
C ILE A 90 2.26 -20.97 -0.87
N TYR A 91 1.75 -21.96 -1.61
CA TYR A 91 1.46 -23.26 -1.03
C TYR A 91 2.67 -24.16 -0.74
N THR A 92 3.73 -24.04 -1.53
CA THR A 92 4.94 -24.82 -1.27
C THR A 92 5.63 -24.32 0.03
N THR A 93 5.71 -23.01 0.18
CA THR A 93 6.32 -22.39 1.35
C THR A 93 5.60 -22.84 2.64
N GLN A 94 4.27 -22.81 2.63
CA GLN A 94 3.50 -23.23 3.82
C GLN A 94 3.79 -24.72 4.11
N HIS A 95 3.77 -25.56 3.08
CA HIS A 95 4.06 -26.98 3.26
C HIS A 95 5.47 -27.14 3.84
N ARG A 96 6.42 -26.36 3.34
CA ARG A 96 7.79 -26.42 3.83
C ARG A 96 7.84 -25.97 5.29
N LEU A 97 6.97 -25.04 5.65
CA LEU A 97 6.89 -24.57 7.04
C LEU A 97 6.23 -25.70 7.83
N ASP A 98 5.07 -26.16 7.37
CA ASP A 98 4.33 -27.26 8.02
C ASP A 98 5.26 -28.45 8.34
N GLN A 99 6.12 -28.79 7.39
CA GLN A 99 7.07 -29.90 7.55
C GLN A 99 8.36 -29.56 8.33
N GLY A 100 8.60 -28.27 8.55
CA GLY A 100 9.78 -27.85 9.28
C GLY A 100 11.05 -27.86 8.47
N GLU A 101 10.89 -27.78 7.15
CA GLU A 101 12.04 -27.75 6.24
C GLU A 101 12.71 -26.36 6.31
N ILE A 102 11.95 -25.33 6.73
CA ILE A 102 12.45 -23.95 6.87
C ILE A 102 11.88 -23.32 8.15
N SER A 103 12.36 -22.13 8.52
CA SER A 103 11.87 -21.48 9.74
C SER A 103 10.69 -20.55 9.50
N ALA A 104 10.05 -20.12 10.59
CA ALA A 104 8.93 -19.21 10.49
C ALA A 104 9.34 -17.87 9.89
N GLY A 105 10.62 -17.51 10.05
CA GLY A 105 11.12 -16.26 9.53
C GLY A 105 11.38 -16.30 8.05
N ASP A 106 11.86 -17.45 7.55
CA ASP A 106 12.13 -17.67 6.13
C ASP A 106 10.79 -17.66 5.39
N ALA A 107 9.85 -18.42 5.93
CA ALA A 107 8.51 -18.53 5.37
C ALA A 107 7.81 -17.18 5.34
N ALA A 108 7.96 -16.40 6.40
CA ALA A 108 7.33 -15.08 6.48
C ALA A 108 7.82 -14.10 5.41
N VAL A 109 9.10 -14.15 5.11
CA VAL A 109 9.67 -13.25 4.14
C VAL A 109 9.20 -13.63 2.73
N VAL A 110 9.11 -14.92 2.48
CA VAL A 110 8.63 -15.43 1.21
C VAL A 110 7.14 -15.13 1.10
N MET A 111 6.38 -15.58 2.10
CA MET A 111 4.93 -15.38 2.15
C MET A 111 4.50 -13.91 2.01
N THR A 112 5.23 -13.01 2.66
CA THR A 112 4.90 -11.58 2.61
C THR A 112 5.17 -11.01 1.23
N SER A 113 6.33 -11.31 0.69
CA SER A 113 6.71 -10.84 -0.63
C SER A 113 5.64 -11.27 -1.64
N ALA A 114 5.10 -12.49 -1.46
CA ALA A 114 4.10 -13.04 -2.35
C ALA A 114 2.76 -12.33 -2.35
N GLN A 115 2.29 -11.90 -1.18
CA GLN A 115 1.01 -11.21 -1.11
C GLN A 115 1.00 -9.93 -1.97
N ILE A 116 2.16 -9.30 -2.11
CA ILE A 116 2.27 -8.08 -2.90
C ILE A 116 1.92 -8.40 -4.38
N THR A 117 2.43 -9.53 -4.87
CA THR A 117 2.16 -9.98 -6.23
C THR A 117 0.70 -10.33 -6.40
N MET A 118 0.10 -10.94 -5.38
CA MET A 118 -1.30 -11.34 -5.44
C MET A 118 -2.30 -10.21 -5.46
N GLY A 119 -2.01 -9.14 -4.76
CA GLY A 119 -2.92 -8.03 -4.70
C GLY A 119 -2.73 -6.94 -5.73
N MET A 120 -1.59 -6.94 -6.42
CA MET A 120 -1.27 -5.92 -7.42
C MET A 120 -2.40 -5.57 -8.38
N PRO A 121 -2.97 -6.57 -9.07
CA PRO A 121 -4.06 -6.31 -10.01
C PRO A 121 -5.25 -5.61 -9.38
N TYR A 122 -5.57 -5.93 -8.12
CA TYR A 122 -6.70 -5.30 -7.45
C TYR A 122 -6.37 -3.86 -7.09
N ALA A 123 -5.11 -3.60 -6.74
CA ALA A 123 -4.68 -2.26 -6.34
C ALA A 123 -4.70 -1.24 -7.49
N VAL A 124 -4.08 -1.56 -8.62
CA VAL A 124 -4.13 -0.62 -9.75
C VAL A 124 -5.56 -0.40 -10.24
N THR A 125 -6.37 -1.46 -10.27
CA THR A 125 -7.77 -1.37 -10.69
C THR A 125 -8.48 -0.35 -9.82
N ASP A 126 -8.36 -0.48 -8.49
CA ASP A 126 -9.02 0.45 -7.57
C ASP A 126 -8.54 1.89 -7.79
N ALA A 127 -7.22 2.05 -7.92
CA ALA A 127 -6.58 3.34 -8.10
C ALA A 127 -7.00 4.08 -9.39
N VAL A 128 -7.07 3.35 -10.50
CA VAL A 128 -7.46 3.89 -11.79
C VAL A 128 -8.96 4.16 -11.89
N LEU A 129 -9.74 3.39 -11.14
CA LEU A 129 -11.19 3.54 -11.13
C LEU A 129 -11.69 4.65 -10.21
N ALA A 130 -11.03 4.82 -9.05
CA ALA A 130 -11.40 5.81 -8.03
C ALA A 130 -11.86 7.18 -8.52
N PRO A 131 -11.09 7.84 -9.40
CA PRO A 131 -11.52 9.15 -9.89
C PRO A 131 -12.84 9.15 -10.68
N HIS A 132 -13.25 7.99 -11.21
CA HIS A 132 -14.50 7.86 -12.00
C HIS A 132 -15.76 7.68 -11.16
N ILE A 133 -15.59 7.23 -9.91
CA ILE A 133 -16.70 6.97 -8.99
C ILE A 133 -17.23 8.26 -8.39
N GLY A 134 -18.53 8.45 -8.45
CA GLY A 134 -19.11 9.66 -7.90
C GLY A 134 -19.84 9.42 -6.61
N GLY A 135 -20.86 10.22 -6.36
CA GLY A 135 -21.62 10.09 -5.14
C GLY A 135 -22.70 9.05 -5.27
N GLU A 136 -23.14 8.54 -4.12
CA GLU A 136 -24.18 7.53 -4.08
C GLU A 136 -25.37 8.10 -4.80
N ALA A 137 -26.11 7.22 -5.44
CA ALA A 137 -27.30 7.58 -6.20
C ALA A 137 -28.57 7.36 -5.36
N GLY A 138 -28.43 6.91 -4.19
N PRO A 144 -32.30 1.91 -13.04
CA PRO A 144 -31.44 0.74 -13.36
C PRO A 144 -30.06 1.29 -13.67
N PRO A 145 -29.00 0.72 -13.06
CA PRO A 145 -27.65 1.24 -13.34
C PRO A 145 -27.30 1.20 -14.83
N ALA A 146 -26.44 2.12 -15.26
CA ALA A 146 -26.02 2.20 -16.65
C ALA A 146 -24.98 1.13 -16.92
N LEU A 147 -24.29 0.72 -15.87
CA LEU A 147 -23.27 -0.30 -15.97
C LEU A 147 -23.14 -1.03 -14.63
N THR A 148 -22.99 -2.33 -14.70
CA THR A 148 -22.84 -3.16 -13.51
C THR A 148 -21.45 -3.76 -13.62
N LEU A 149 -20.61 -3.47 -12.64
CA LEU A 149 -19.24 -3.99 -12.66
C LEU A 149 -19.12 -5.09 -11.60
N ILE A 150 -18.94 -6.33 -12.03
CA ILE A 150 -18.82 -7.47 -11.13
C ILE A 150 -17.34 -7.77 -11.04
N PHE A 151 -16.81 -7.81 -9.83
CA PHE A 151 -15.40 -8.09 -9.67
C PHE A 151 -15.18 -9.41 -9.02
N ASP A 152 -14.07 -10.05 -9.35
CA ASP A 152 -13.70 -11.29 -8.71
C ASP A 152 -12.71 -10.85 -7.63
N ARG A 153 -13.25 -10.57 -6.44
CA ARG A 153 -12.50 -10.11 -5.26
C ARG A 153 -12.21 -8.60 -5.12
N HIS A 154 -12.13 -8.15 -3.87
CA HIS A 154 -11.88 -6.77 -3.53
C HIS A 154 -10.47 -6.67 -3.00
N PRO A 155 -9.90 -5.44 -3.01
CA PRO A 155 -8.54 -5.24 -2.50
C PRO A 155 -8.30 -5.81 -1.09
N ILE A 156 -9.26 -5.67 -0.19
CA ILE A 156 -9.06 -6.23 1.16
C ILE A 156 -8.78 -7.73 1.24
N ALA A 157 -9.09 -8.48 0.18
CA ALA A 157 -8.81 -9.91 0.20
C ALA A 157 -7.31 -10.11 0.25
N ALA A 158 -6.59 -9.32 -0.53
CA ALA A 158 -5.15 -9.41 -0.57
C ALA A 158 -4.45 -8.49 0.41
N LEU A 159 -5.10 -7.41 0.84
CA LEU A 159 -4.47 -6.49 1.79
C LEU A 159 -4.90 -6.69 3.25
N LEU A 160 -5.79 -7.63 3.51
CA LEU A 160 -6.26 -7.84 4.87
C LEU A 160 -6.55 -9.31 5.16
N CYS A 161 -7.56 -9.86 4.50
CA CYS A 161 -7.98 -11.24 4.70
C CYS A 161 -6.97 -12.37 4.58
N TYR A 162 -6.31 -12.52 3.44
CA TYR A 162 -5.30 -13.57 3.31
C TYR A 162 -4.05 -13.39 4.15
N PRO A 163 -3.57 -12.13 4.26
CA PRO A 163 -2.38 -11.95 5.10
C PRO A 163 -2.78 -12.33 6.53
N ALA A 164 -4.00 -11.99 6.92
CA ALA A 164 -4.51 -12.32 8.26
C ALA A 164 -4.54 -13.83 8.46
N ALA A 165 -4.97 -14.56 7.43
CA ALA A 165 -5.05 -16.00 7.47
C ALA A 165 -3.66 -16.60 7.51
N ARG A 166 -2.71 -16.03 6.76
CA ARG A 166 -1.36 -16.57 6.80
C ARG A 166 -0.70 -16.32 8.17
N TYR A 167 -1.17 -15.28 8.87
CA TYR A 167 -0.65 -14.96 10.21
C TYR A 167 -1.11 -16.10 11.11
N LEU A 168 -2.39 -16.42 11.01
CA LEU A 168 -3.03 -17.49 11.79
C LEU A 168 -2.47 -18.87 11.44
N MET A 169 -1.62 -18.92 10.42
CA MET A 169 -1.00 -20.15 9.96
C MET A 169 0.47 -20.14 10.33
N GLY A 170 0.91 -19.07 10.99
CA GLY A 170 2.31 -18.96 11.37
C GLY A 170 3.31 -18.66 10.27
N SER A 171 2.88 -18.10 9.14
CA SER A 171 3.82 -17.79 8.06
C SER A 171 3.86 -16.29 7.70
N MET A 172 3.23 -15.45 8.53
CA MET A 172 3.17 -14.00 8.34
C MET A 172 3.24 -13.35 9.73
N THR A 173 4.05 -12.30 9.89
CA THR A 173 4.15 -11.62 11.19
C THR A 173 2.96 -10.68 11.32
N PRO A 174 2.41 -10.50 12.55
CA PRO A 174 1.26 -9.60 12.68
C PRO A 174 1.57 -8.11 12.29
N GLN A 175 2.84 -7.73 12.32
CA GLN A 175 3.27 -6.37 11.95
C GLN A 175 3.17 -6.23 10.41
N ALA A 176 3.48 -7.30 9.68
CA ALA A 176 3.38 -7.29 8.21
C ALA A 176 1.91 -7.13 7.85
N VAL A 177 1.06 -7.84 8.57
CA VAL A 177 -0.37 -7.78 8.35
C VAL A 177 -0.94 -6.35 8.53
N LEU A 178 -0.56 -5.67 9.61
CA LEU A 178 -1.07 -4.31 9.81
C LEU A 178 -0.44 -3.28 8.88
N ALA A 179 0.69 -3.63 8.25
CA ALA A 179 1.31 -2.75 7.26
C ALA A 179 0.45 -2.78 5.98
N PHE A 180 -0.11 -3.95 5.64
CA PHE A 180 -0.99 -4.08 4.47
C PHE A 180 -2.28 -3.36 4.79
N VAL A 181 -2.75 -3.50 6.02
CA VAL A 181 -3.96 -2.84 6.47
C VAL A 181 -3.85 -1.29 6.32
N ALA A 182 -2.71 -0.73 6.69
CA ALA A 182 -2.49 0.71 6.61
C ALA A 182 -2.50 1.19 5.16
N LEU A 183 -2.28 0.26 4.23
CA LEU A 183 -2.26 0.57 2.79
C LEU A 183 -3.54 0.32 2.06
N ILE A 184 -4.58 -0.08 2.78
CA ILE A 184 -5.88 -0.33 2.16
C ILE A 184 -6.37 0.98 1.57
N PRO A 185 -6.73 1.00 0.28
CA PRO A 185 -7.20 2.25 -0.31
C PRO A 185 -8.50 2.76 0.34
N PRO A 186 -8.70 4.08 0.36
CA PRO A 186 -9.92 4.64 0.98
C PRO A 186 -11.19 3.96 0.43
N THR A 187 -12.20 3.79 1.28
CA THR A 187 -13.42 3.13 0.82
C THR A 187 -14.35 4.08 0.08
N LEU A 188 -14.47 3.85 -1.22
CA LEU A 188 -15.30 4.65 -2.11
C LEU A 188 -16.77 4.35 -1.90
N PRO A 189 -17.66 5.27 -2.35
CA PRO A 189 -19.10 5.10 -2.21
C PRO A 189 -19.53 3.89 -3.02
N GLY A 190 -20.58 3.19 -2.58
CA GLY A 190 -21.08 2.02 -3.29
C GLY A 190 -20.16 0.81 -3.37
N THR A 191 -19.45 0.52 -2.28
CA THR A 191 -18.57 -0.65 -2.23
C THR A 191 -19.43 -1.77 -1.64
N ASN A 192 -19.97 -2.63 -2.52
CA ASN A 192 -20.83 -3.77 -2.16
C ASN A 192 -19.96 -5.00 -2.22
N ILE A 193 -19.83 -5.69 -1.08
CA ILE A 193 -19.02 -6.90 -0.99
C ILE A 193 -19.97 -8.06 -0.70
N VAL A 194 -19.92 -9.09 -1.53
CA VAL A 194 -20.79 -10.27 -1.38
C VAL A 194 -19.89 -11.34 -0.85
N LEU A 195 -20.20 -11.83 0.34
CA LEU A 195 -19.38 -12.87 0.94
C LEU A 195 -20.18 -14.16 0.87
N GLY A 196 -19.52 -15.31 0.91
CA GLY A 196 -20.25 -16.57 0.82
C GLY A 196 -20.47 -17.37 2.08
N ALA A 197 -21.49 -18.22 2.04
CA ALA A 197 -21.83 -19.09 3.16
C ALA A 197 -21.93 -20.52 2.63
N LEU A 198 -21.32 -21.46 3.33
CA LEU A 198 -21.33 -22.86 2.91
C LEU A 198 -20.86 -23.70 4.10
N PRO A 199 -21.64 -24.72 4.50
CA PRO A 199 -21.23 -25.60 5.62
C PRO A 199 -19.82 -26.12 5.32
N GLU A 200 -18.97 -26.25 6.33
CA GLU A 200 -17.60 -26.67 6.09
C GLU A 200 -17.32 -27.90 5.25
N ASP A 201 -18.18 -28.91 5.39
CA ASP A 201 -18.00 -30.16 4.65
C ASP A 201 -18.32 -30.02 3.17
N ARG A 202 -19.38 -29.28 2.84
CA ARG A 202 -19.66 -29.06 1.43
C ARG A 202 -18.55 -28.20 0.87
N HIS A 203 -18.00 -27.31 1.69
CA HIS A 203 -16.89 -26.45 1.24
C HIS A 203 -15.63 -27.28 0.93
N ILE A 204 -15.31 -28.25 1.79
CA ILE A 204 -14.14 -29.12 1.57
C ILE A 204 -14.29 -29.82 0.22
N ASP A 205 -15.49 -30.35 -0.05
CA ASP A 205 -15.78 -31.04 -1.31
C ASP A 205 -15.60 -30.11 -2.50
N ARG A 206 -16.27 -28.96 -2.45
CA ARG A 206 -16.15 -27.95 -3.50
C ARG A 206 -14.70 -27.55 -3.68
N LEU A 207 -14.03 -27.22 -2.57
CA LEU A 207 -12.64 -26.82 -2.63
C LEU A 207 -11.89 -27.87 -3.43
N ALA A 208 -12.15 -29.13 -3.10
CA ALA A 208 -11.48 -30.24 -3.74
C ALA A 208 -11.71 -30.35 -5.24
N LYS A 209 -12.95 -30.17 -5.68
CA LYS A 209 -13.22 -30.31 -7.11
C LYS A 209 -12.44 -29.28 -7.90
N ARG A 210 -12.55 -28.00 -7.56
CA ARG A 210 -11.81 -26.99 -8.30
C ARG A 210 -10.71 -26.21 -7.55
N GLN A 211 -9.47 -26.67 -7.73
CA GLN A 211 -8.25 -26.12 -7.17
C GLN A 211 -7.52 -25.32 -8.27
N ARG A 212 -6.57 -24.47 -7.88
CA ARG A 212 -5.79 -23.64 -8.81
C ARG A 212 -4.46 -24.32 -9.06
N PRO A 213 -3.73 -23.90 -10.12
CA PRO A 213 -2.42 -24.50 -10.45
C PRO A 213 -1.41 -24.25 -9.32
N GLY A 214 -0.72 -25.29 -8.91
CA GLY A 214 0.26 -25.17 -7.82
C GLY A 214 -0.33 -25.22 -6.40
N GLU A 215 -1.64 -25.19 -6.29
CA GLU A 215 -2.32 -25.23 -5.01
C GLU A 215 -2.22 -26.63 -4.33
N ARG A 216 -2.35 -26.68 -3.01
CA ARG A 216 -2.35 -27.94 -2.25
C ARG A 216 -3.59 -27.87 -1.37
N LEU A 217 -4.32 -28.98 -1.22
CA LEU A 217 -5.52 -28.98 -0.37
C LEU A 217 -5.08 -28.86 1.09
N ASP A 218 -5.17 -27.65 1.64
CA ASP A 218 -4.76 -27.38 3.02
C ASP A 218 -6.02 -27.12 3.83
N LEU A 219 -6.43 -28.11 4.64
CA LEU A 219 -7.63 -28.00 5.48
C LEU A 219 -7.45 -26.94 6.59
N ALA A 220 -6.21 -26.83 7.04
CA ALA A 220 -5.88 -25.86 8.06
C ALA A 220 -6.05 -24.46 7.43
N MET A 221 -5.53 -24.25 6.22
CA MET A 221 -5.71 -22.96 5.56
C MET A 221 -7.21 -22.72 5.34
N LEU A 222 -7.96 -23.74 4.94
CA LEU A 222 -9.40 -23.55 4.71
C LEU A 222 -10.07 -23.07 5.98
N ALA A 223 -9.65 -23.63 7.11
CA ALA A 223 -10.21 -23.25 8.41
C ALA A 223 -9.80 -21.82 8.77
N ALA A 224 -8.53 -21.49 8.56
CA ALA A 224 -8.02 -20.13 8.83
C ALA A 224 -8.77 -19.08 8.02
N ILE A 225 -8.88 -19.28 6.71
CA ILE A 225 -9.58 -18.31 5.85
C ILE A 225 -11.08 -18.19 6.16
N ARG A 226 -11.69 -19.30 6.57
CA ARG A 226 -13.11 -19.27 6.91
C ARG A 226 -13.34 -18.42 8.15
N ARG A 227 -12.42 -18.53 9.11
CA ARG A 227 -12.51 -17.76 10.37
C ARG A 227 -12.32 -16.27 10.07
N VAL A 228 -11.29 -15.93 9.30
CA VAL A 228 -11.03 -14.54 8.93
C VAL A 228 -12.27 -13.91 8.28
N TYR A 229 -12.81 -14.56 7.24
CA TYR A 229 -13.99 -14.02 6.58
C TYR A 229 -15.18 -13.96 7.49
N GLY A 230 -15.31 -14.97 8.37
CA GLY A 230 -16.39 -14.96 9.33
C GLY A 230 -16.21 -13.77 10.28
N LEU A 231 -14.98 -13.55 10.74
CA LEU A 231 -14.67 -12.42 11.64
C LEU A 231 -14.91 -11.10 10.89
N LEU A 232 -14.48 -11.03 9.65
CA LEU A 232 -14.69 -9.83 8.84
C LEU A 232 -16.14 -9.37 8.82
N ALA A 233 -17.08 -10.27 8.59
CA ALA A 233 -18.50 -9.90 8.55
C ALA A 233 -19.00 -9.39 9.90
N ASN A 234 -18.47 -9.96 10.96
CA ASN A 234 -18.87 -9.56 12.29
C ASN A 234 -18.35 -8.18 12.57
N THR A 235 -17.12 -7.91 12.13
CA THR A 235 -16.49 -6.59 12.30
C THR A 235 -17.29 -5.47 11.66
N VAL A 236 -17.76 -5.70 10.44
CA VAL A 236 -18.56 -4.70 9.74
C VAL A 236 -19.83 -4.41 10.52
N ARG A 237 -20.51 -5.43 11.03
CA ARG A 237 -21.72 -5.22 11.82
C ARG A 237 -21.38 -4.49 13.13
N TYR A 238 -20.30 -4.91 13.76
CA TYR A 238 -19.81 -4.30 15.01
C TYR A 238 -19.60 -2.79 14.80
N LEU A 239 -18.79 -2.48 13.81
CA LEU A 239 -18.53 -1.10 13.47
C LEU A 239 -19.80 -0.35 13.11
N GLN A 240 -20.68 -0.91 12.29
CA GLN A 240 -21.90 -0.21 11.90
C GLN A 240 -22.89 0.00 13.04
N CYS A 241 -22.86 -0.88 14.03
CA CYS A 241 -23.74 -0.80 15.20
C CYS A 241 -23.18 0.13 16.25
N GLY A 242 -22.02 0.73 16.00
CA GLY A 242 -21.45 1.66 16.96
C GLY A 242 -20.24 1.22 17.76
N GLY A 243 -19.71 0.04 17.45
CA GLY A 243 -18.56 -0.47 18.17
C GLY A 243 -17.28 0.35 18.10
N SER A 244 -16.71 0.61 19.28
CA SER A 244 -15.45 1.35 19.40
C SER A 244 -14.44 0.35 19.93
N TRP A 245 -13.51 -0.06 19.08
CA TRP A 245 -12.51 -1.04 19.49
C TRP A 245 -11.64 -0.59 20.67
N ARG A 246 -11.39 0.71 20.78
CA ARG A 246 -10.58 1.23 21.85
C ARG A 246 -11.36 1.11 23.16
N GLU A 247 -12.67 1.32 23.10
CA GLU A 247 -13.53 1.24 24.28
C GLU A 247 -13.77 -0.19 24.80
N ASP A 248 -13.74 -1.18 23.89
CA ASP A 248 -13.96 -2.58 24.23
C ASP A 248 -12.67 -3.39 24.30
N TRP A 249 -11.52 -2.77 24.08
CA TRP A 249 -10.25 -3.50 24.08
C TRP A 249 -9.95 -4.24 25.37
N GLY A 250 -10.54 -3.77 26.47
CA GLY A 250 -10.32 -4.42 27.75
C GLY A 250 -11.02 -5.76 27.80
N GLN A 251 -12.16 -5.87 27.13
CA GLN A 251 -12.94 -7.08 27.09
C GLN A 251 -12.16 -8.27 26.53
N LEU A 252 -11.06 -7.98 25.85
CA LEU A 252 -10.22 -9.04 25.31
C LEU A 252 -9.33 -9.52 26.45
N SER A 253 -9.63 -9.06 27.67
CA SER A 253 -8.88 -9.43 28.87
C SER A 253 -9.76 -9.60 30.14
N GLY A 254 -10.87 -9.00 30.23
N PRO A 270 -26.82 -3.95 20.70
CA PRO A 270 -26.98 -5.25 19.97
C PRO A 270 -25.91 -5.33 18.88
N ARG A 271 -24.71 -5.75 19.27
CA ARG A 271 -23.59 -5.85 18.33
C ARG A 271 -22.76 -7.04 18.72
N PRO A 272 -21.86 -7.49 17.84
CA PRO A 272 -21.00 -8.63 18.15
C PRO A 272 -20.00 -8.26 19.24
N HIS A 273 -19.55 -9.23 20.02
CA HIS A 273 -18.57 -8.96 21.08
C HIS A 273 -17.24 -8.79 20.35
N ILE A 274 -16.46 -7.78 20.71
CA ILE A 274 -15.16 -7.51 20.07
C ILE A 274 -14.34 -8.77 19.90
N GLY A 275 -14.54 -9.73 20.80
CA GLY A 275 -13.84 -11.00 20.73
C GLY A 275 -14.22 -11.81 19.48
N ASP A 276 -15.32 -11.42 18.85
CA ASP A 276 -15.80 -12.10 17.64
C ASP A 276 -15.55 -11.31 16.35
N THR A 277 -14.85 -10.17 16.45
CA THR A 277 -14.51 -9.32 15.31
C THR A 277 -13.02 -9.49 15.02
N LEU A 278 -12.51 -8.90 13.93
CA LEU A 278 -11.09 -9.03 13.56
C LEU A 278 -10.09 -8.42 14.55
N PHE A 279 -10.56 -7.51 15.39
CA PHE A 279 -9.68 -6.88 16.36
C PHE A 279 -9.07 -7.89 17.31
N THR A 280 -9.72 -9.05 17.46
CA THR A 280 -9.16 -10.05 18.35
C THR A 280 -7.85 -10.64 17.90
N LEU A 281 -7.60 -10.62 16.60
CA LEU A 281 -6.37 -11.18 16.07
C LEU A 281 -5.14 -10.38 16.39
N PHE A 282 -5.35 -9.10 16.74
CA PHE A 282 -4.25 -8.19 17.01
C PHE A 282 -3.88 -7.97 18.46
N ARG A 283 -4.46 -8.78 19.34
CA ARG A 283 -4.06 -8.72 20.72
C ARG A 283 -2.99 -9.79 20.64
N ALA A 284 -1.96 -9.51 19.86
CA ALA A 284 -0.84 -10.40 19.62
C ALA A 284 0.41 -9.83 20.30
N PRO A 285 1.13 -10.68 21.04
CA PRO A 285 2.34 -10.34 21.76
C PRO A 285 3.40 -9.54 21.01
N GLU A 286 3.47 -9.68 19.69
CA GLU A 286 4.48 -8.93 18.97
C GLU A 286 4.14 -7.45 18.92
N LEU A 287 2.84 -7.15 19.00
CA LEU A 287 2.34 -5.78 18.92
C LEU A 287 2.23 -5.04 20.24
N LEU A 288 2.49 -5.75 21.33
CA LEU A 288 2.33 -5.19 22.65
C LEU A 288 3.60 -4.75 23.36
N ALA A 289 3.46 -3.69 24.16
CA ALA A 289 4.57 -3.17 24.94
C ALA A 289 4.72 -4.06 26.18
N PRO A 290 5.87 -3.99 26.89
CA PRO A 290 6.14 -4.77 28.10
C PRO A 290 5.04 -4.77 29.14
N ASN A 291 4.28 -3.69 29.21
CA ASN A 291 3.17 -3.57 30.16
C ASN A 291 1.86 -4.05 29.56
N GLY A 292 1.95 -4.68 28.40
CA GLY A 292 0.75 -5.20 27.78
C GLY A 292 0.05 -4.23 26.86
N ASP A 293 0.57 -3.01 26.77
CA ASP A 293 -0.05 -2.02 25.91
C ASP A 293 0.29 -2.12 24.42
N LEU A 294 -0.74 -1.95 23.60
CA LEU A 294 -0.59 -1.96 22.14
C LEU A 294 0.19 -0.69 21.78
N TYR A 295 1.22 -0.83 20.96
CA TYR A 295 1.95 0.34 20.53
C TYR A 295 1.05 1.20 19.65
N ASN A 296 1.14 2.52 19.79
CA ASN A 296 0.33 3.43 18.99
C ASN A 296 0.38 3.19 17.48
N VAL A 297 1.57 2.90 16.91
CA VAL A 297 1.66 2.64 15.45
C VAL A 297 0.59 1.61 15.11
N PHE A 298 0.62 0.50 15.84
CA PHE A 298 -0.31 -0.61 15.64
C PHE A 298 -1.71 -0.21 15.93
N ALA A 299 -1.91 0.67 16.93
CA ALA A 299 -3.26 1.11 17.26
C ALA A 299 -3.78 2.03 16.17
N TRP A 300 -2.88 2.76 15.55
CA TRP A 300 -3.27 3.65 14.46
C TRP A 300 -3.71 2.82 13.23
N ALA A 301 -3.05 1.69 12.96
CA ALA A 301 -3.43 0.83 11.84
C ALA A 301 -4.81 0.21 12.09
N LEU A 302 -5.18 0.04 13.36
CA LEU A 302 -6.50 -0.48 13.71
C LEU A 302 -7.58 0.58 13.53
N ASP A 303 -7.21 1.84 13.67
CA ASP A 303 -8.18 2.92 13.46
C ASP A 303 -8.50 3.00 11.95
N VAL A 304 -7.51 2.76 11.10
CA VAL A 304 -7.69 2.74 9.64
C VAL A 304 -8.55 1.53 9.26
N LEU A 305 -8.25 0.33 9.81
CA LEU A 305 -9.07 -0.85 9.50
C LEU A 305 -10.52 -0.54 9.81
N ALA A 306 -10.76 0.03 10.98
CA ALA A 306 -12.11 0.35 11.40
C ALA A 306 -12.80 1.32 10.47
N LYS A 307 -12.05 2.32 9.99
CA LYS A 307 -12.60 3.34 9.09
C LYS A 307 -12.92 2.69 7.74
N ARG A 308 -11.99 1.93 7.22
CA ARG A 308 -12.20 1.29 5.92
C ARG A 308 -13.35 0.28 5.86
N LEU A 309 -13.56 -0.45 6.94
CA LEU A 309 -14.60 -1.46 6.95
C LEU A 309 -16.01 -1.00 7.20
N ARG A 310 -16.17 -0.01 8.06
CA ARG A 310 -17.50 0.50 8.44
C ARG A 310 -18.41 1.00 7.33
N SER A 311 -17.83 1.50 6.25
CA SER A 311 -18.63 2.03 5.14
C SER A 311 -18.94 1.01 4.05
N MET A 312 -18.38 -0.18 4.16
CA MET A 312 -18.63 -1.22 3.19
C MET A 312 -20.03 -1.79 3.38
N HIS A 313 -20.62 -2.29 2.30
CA HIS A 313 -21.94 -2.87 2.36
C HIS A 313 -21.74 -4.36 2.13
N VAL A 314 -22.04 -5.17 3.15
CA VAL A 314 -21.88 -6.60 3.07
C VAL A 314 -23.18 -7.36 2.75
N PHE A 315 -23.06 -8.36 1.89
CA PHE A 315 -24.17 -9.19 1.47
C PHE A 315 -23.65 -10.60 1.52
N ILE A 316 -24.52 -11.53 1.94
CA ILE A 316 -24.16 -12.93 2.07
C ILE A 316 -24.86 -13.81 1.04
N LEU A 317 -24.09 -14.66 0.37
CA LEU A 317 -24.61 -15.56 -0.65
C LEU A 317 -24.44 -17.01 -0.20
N ASP A 318 -25.55 -17.73 -0.10
CA ASP A 318 -25.53 -19.14 0.29
C ASP A 318 -25.09 -19.93 -0.94
N TYR A 319 -23.87 -20.44 -0.92
CA TYR A 319 -23.39 -21.19 -2.06
C TYR A 319 -23.88 -22.63 -1.99
N ASP A 320 -24.46 -23.03 -0.87
CA ASP A 320 -24.99 -24.39 -0.64
C ASP A 320 -26.24 -24.66 -1.50
N GLN A 321 -26.09 -24.50 -2.82
CA GLN A 321 -27.16 -24.74 -3.76
C GLN A 321 -26.55 -24.99 -5.13
N SER A 322 -27.39 -25.23 -6.14
CA SER A 322 -26.92 -25.51 -7.50
C SER A 322 -26.54 -24.23 -8.20
N PRO A 323 -25.51 -24.29 -9.06
CA PRO A 323 -25.00 -23.16 -9.83
C PRO A 323 -26.03 -22.21 -10.46
N ALA A 324 -27.22 -22.70 -10.73
CA ALA A 324 -28.27 -21.86 -11.30
C ALA A 324 -28.88 -21.03 -10.19
N GLY A 325 -29.02 -21.65 -9.02
CA GLY A 325 -29.59 -20.98 -7.87
C GLY A 325 -28.68 -19.91 -7.30
N CYS A 326 -27.40 -20.24 -7.18
CA CYS A 326 -26.38 -19.32 -6.68
C CYS A 326 -26.44 -18.08 -7.54
N ARG A 327 -26.39 -18.33 -8.85
CA ARG A 327 -26.44 -17.28 -9.86
C ARG A 327 -27.71 -16.47 -9.71
N ASP A 328 -28.81 -17.15 -9.45
CA ASP A 328 -30.09 -16.48 -9.25
C ASP A 328 -30.00 -15.59 -8.02
N ALA A 329 -29.57 -16.20 -6.93
CA ALA A 329 -29.40 -15.56 -5.63
C ALA A 329 -28.59 -14.28 -5.70
N LEU A 330 -27.48 -14.30 -6.42
CA LEU A 330 -26.64 -13.10 -6.58
C LEU A 330 -27.42 -11.96 -7.24
N LEU A 331 -28.21 -12.28 -8.28
CA LEU A 331 -29.01 -11.27 -8.95
C LEU A 331 -30.02 -10.73 -7.98
N GLN A 332 -30.51 -11.61 -7.13
CA GLN A 332 -31.49 -11.24 -6.10
C GLN A 332 -30.87 -10.24 -5.12
N LEU A 333 -29.61 -10.47 -4.75
CA LEU A 333 -28.86 -9.63 -3.81
C LEU A 333 -28.46 -8.26 -4.35
N THR A 334 -28.77 -8.01 -5.62
CA THR A 334 -28.40 -6.76 -6.26
C THR A 334 -29.32 -5.60 -5.91
N SER A 335 -30.58 -5.89 -5.60
CA SER A 335 -31.60 -4.86 -5.28
C SER A 335 -31.36 -3.88 -4.12
N GLY A 336 -30.51 -4.28 -3.18
CA GLY A 336 -30.22 -3.43 -2.04
C GLY A 336 -28.76 -2.99 -2.00
N MET A 337 -28.06 -3.19 -3.12
CA MET A 337 -26.67 -2.80 -3.23
C MET A 337 -26.69 -1.31 -3.52
N VAL A 338 -25.62 -0.61 -3.22
CA VAL A 338 -25.63 0.81 -3.46
C VAL A 338 -24.95 1.20 -4.76
N GLN A 339 -25.65 2.03 -5.55
CA GLN A 339 -25.17 2.52 -6.84
C GLN A 339 -24.60 3.92 -6.63
N THR A 340 -23.76 4.35 -7.57
CA THR A 340 -23.18 5.67 -7.47
C THR A 340 -23.26 6.32 -8.83
N HIS A 341 -23.04 7.64 -8.85
CA HIS A 341 -23.00 8.34 -10.11
C HIS A 341 -21.57 8.22 -10.52
N VAL A 342 -21.29 8.47 -11.79
CA VAL A 342 -19.94 8.44 -12.27
C VAL A 342 -19.53 9.90 -12.28
N THR A 343 -18.25 10.15 -12.49
CA THR A 343 -17.65 11.49 -12.50
C THR A 343 -17.76 12.33 -13.77
N THR A 344 -17.59 11.69 -14.91
CA THR A 344 -17.65 12.37 -16.18
C THR A 344 -18.67 11.67 -17.06
N PRO A 345 -18.96 12.22 -18.26
CA PRO A 345 -19.94 11.53 -19.09
C PRO A 345 -19.26 10.35 -19.75
N GLY A 346 -17.94 10.47 -19.95
CA GLY A 346 -17.17 9.39 -20.58
C GLY A 346 -16.68 8.25 -19.68
N SER A 347 -17.18 8.22 -18.45
CA SER A 347 -16.78 7.20 -17.49
C SER A 347 -17.16 5.75 -17.82
N ILE A 348 -18.42 5.49 -18.17
CA ILE A 348 -18.83 4.12 -18.50
C ILE A 348 -17.96 3.42 -19.56
N PRO A 349 -17.80 4.03 -20.76
CA PRO A 349 -16.98 3.44 -21.82
C PRO A 349 -15.56 3.21 -21.32
N THR A 350 -15.05 4.18 -20.57
CA THR A 350 -13.71 4.07 -19.98
C THR A 350 -13.66 2.92 -18.98
N ILE A 351 -14.70 2.79 -18.16
CA ILE A 351 -14.79 1.71 -17.18
C ILE A 351 -14.90 0.36 -17.90
N CYS A 352 -15.72 0.32 -18.95
CA CYS A 352 -15.92 -0.90 -19.75
C CYS A 352 -14.65 -1.44 -20.34
N ASP A 353 -13.90 -0.56 -21.00
CA ASP A 353 -12.67 -0.96 -21.65
C ASP A 353 -11.59 -1.38 -20.65
N LEU A 354 -11.70 -0.88 -19.42
CA LEU A 354 -10.75 -1.21 -18.36
C LEU A 354 -11.04 -2.65 -17.96
N ALA A 355 -12.33 -2.93 -17.82
CA ALA A 355 -12.81 -4.23 -17.45
C ALA A 355 -12.44 -5.25 -18.49
N ARG A 356 -12.72 -4.92 -19.76
CA ARG A 356 -12.41 -5.85 -20.84
C ARG A 356 -10.93 -6.01 -21.11
N THR A 357 -10.15 -4.94 -20.91
CA THR A 357 -8.73 -5.01 -21.13
C THR A 357 -8.09 -5.87 -20.05
N PHE A 358 -8.52 -5.66 -18.81
CA PHE A 358 -8.02 -6.42 -17.64
C PHE A 358 -8.36 -7.88 -17.94
N ALA A 359 -9.63 -8.14 -18.23
CA ALA A 359 -10.11 -9.49 -18.54
C ALA A 359 -9.22 -10.14 -19.59
N ARG A 360 -9.10 -9.45 -20.71
CA ARG A 360 -8.30 -9.92 -21.84
C ARG A 360 -6.85 -10.26 -21.49
N GLU A 361 -6.21 -9.40 -20.71
CA GLU A 361 -4.81 -9.57 -20.36
C GLU A 361 -4.51 -10.46 -19.14
N MET A 362 -5.33 -10.38 -18.10
CA MET A 362 -5.05 -11.17 -16.90
C MET A 362 -5.90 -12.39 -16.61
N GLY A 363 -7.07 -12.49 -17.24
CA GLY A 363 -7.89 -13.67 -17.06
C GLY A 363 -7.25 -14.80 -17.86
N GLU A 364 -7.09 -15.99 -17.26
CA GLU A 364 -6.46 -17.10 -17.99
C GLU A 364 -7.50 -18.02 -18.61
N ALA A 365 -8.28 -18.63 -17.83
N MET B 36 -11.05 29.81 9.80
CA MET B 36 -10.43 28.50 10.14
C MET B 36 -8.89 28.60 10.26
N PRO B 37 -8.27 27.71 11.07
CA PRO B 37 -6.80 27.69 11.24
C PRO B 37 -6.11 26.97 10.09
N THR B 38 -4.91 27.42 9.74
CA THR B 38 -4.18 26.79 8.65
C THR B 38 -3.08 25.89 9.17
N LEU B 39 -2.56 25.08 8.26
CA LEU B 39 -1.51 24.13 8.55
C LEU B 39 -0.51 24.16 7.43
N LEU B 40 0.73 23.90 7.77
CA LEU B 40 1.77 23.88 6.76
C LEU B 40 2.50 22.58 7.03
N ARG B 41 2.46 21.66 6.07
CA ARG B 41 3.17 20.40 6.20
C ARG B 41 4.38 20.46 5.27
N VAL B 42 5.52 19.97 5.74
CA VAL B 42 6.74 19.99 4.95
C VAL B 42 7.46 18.69 5.21
N TYR B 43 7.75 17.97 4.12
CA TYR B 43 8.43 16.68 4.17
C TYR B 43 9.85 16.88 3.64
N ILE B 44 10.87 16.64 4.48
CA ILE B 44 12.25 16.76 4.06
C ILE B 44 12.71 15.38 3.60
N ASP B 45 12.97 15.22 2.29
CA ASP B 45 13.36 13.93 1.70
C ASP B 45 14.62 13.96 0.84
N GLY B 46 15.04 12.82 0.34
CA GLY B 46 16.22 12.79 -0.50
C GLY B 46 17.17 11.70 -0.12
N PRO B 47 18.31 11.57 -0.80
CA PRO B 47 19.24 10.50 -0.41
C PRO B 47 19.67 10.66 1.06
N HIS B 48 19.95 9.53 1.69
CA HIS B 48 20.42 9.51 3.08
C HIS B 48 21.87 10.04 3.13
N GLY B 49 22.27 10.61 4.27
CA GLY B 49 23.63 11.09 4.45
C GLY B 49 23.92 12.50 3.97
N MET B 50 22.89 13.32 3.87
CA MET B 50 23.03 14.70 3.43
C MET B 50 22.87 15.68 4.59
N GLY B 51 22.26 15.23 5.68
CA GLY B 51 22.08 16.07 6.85
C GLY B 51 20.67 16.56 6.99
N LYS B 52 19.73 15.78 6.49
CA LYS B 52 18.33 16.13 6.55
C LYS B 52 17.78 16.15 7.95
N THR B 53 18.09 15.13 8.75
CA THR B 53 17.56 15.05 10.10
C THR B 53 18.10 16.16 11.02
N THR B 54 19.38 16.50 10.87
CA THR B 54 19.96 17.56 11.68
C THR B 54 19.29 18.92 11.44
N THR B 55 19.28 19.35 10.18
CA THR B 55 18.70 20.64 9.87
C THR B 55 17.22 20.76 10.14
N THR B 56 16.48 19.67 10.10
CA THR B 56 15.04 19.79 10.41
C THR B 56 14.89 20.09 11.91
N GLN B 57 15.67 19.41 12.75
CA GLN B 57 15.65 19.61 14.20
C GLN B 57 16.04 21.05 14.48
N LEU B 58 17.09 21.50 13.82
CA LEU B 58 17.51 22.88 13.99
C LEU B 58 16.32 23.77 13.68
N LEU B 59 15.61 23.45 12.60
CA LEU B 59 14.46 24.25 12.23
C LEU B 59 13.43 24.36 13.33
N VAL B 60 13.13 23.23 13.97
CA VAL B 60 12.14 23.19 15.05
C VAL B 60 12.64 23.86 16.34
N ALA B 61 13.95 23.98 16.50
CA ALA B 61 14.49 24.59 17.70
C ALA B 61 14.22 26.09 17.75
N LEU B 62 13.93 26.67 16.59
CA LEU B 62 13.64 28.10 16.44
C LEU B 62 12.26 28.51 16.97
N GLY B 63 12.19 29.46 17.79
N ASP B 67 4.72 26.08 18.29
CA ASP B 67 3.77 25.38 17.37
C ASP B 67 4.39 24.94 16.04
N ILE B 68 5.37 24.04 16.16
CA ILE B 68 6.04 23.43 15.04
C ILE B 68 6.50 22.13 15.67
N VAL B 69 6.06 21.02 15.10
CA VAL B 69 6.43 19.72 15.63
C VAL B 69 7.16 18.97 14.55
N TYR B 70 8.11 18.14 14.96
CA TYR B 70 8.94 17.35 14.08
C TYR B 70 8.45 15.90 14.20
N VAL B 71 8.22 15.25 13.05
CA VAL B 71 7.84 13.84 13.00
C VAL B 71 9.14 13.20 12.51
N PRO B 72 9.91 12.63 13.42
CA PRO B 72 11.20 12.02 13.13
C PRO B 72 11.26 10.72 12.36
N GLU B 73 12.47 10.31 12.03
CA GLU B 73 12.71 9.04 11.39
C GLU B 73 12.32 8.00 12.44
N PRO B 74 11.36 7.11 12.15
CA PRO B 74 10.94 6.08 13.11
C PRO B 74 11.91 4.91 13.29
N MET B 75 13.14 5.22 13.68
CA MET B 75 14.17 4.19 13.86
C MET B 75 13.79 3.07 14.81
N THR B 76 12.99 3.36 15.83
CA THR B 76 12.61 2.32 16.79
C THR B 76 11.70 1.26 16.15
N TYR B 77 10.89 1.68 15.18
CA TYR B 77 10.01 0.77 14.46
C TYR B 77 10.92 -0.12 13.60
N TRP B 78 11.92 0.47 12.95
CA TRP B 78 12.84 -0.28 12.09
C TRP B 78 13.80 -1.20 12.85
N ARG B 79 14.19 -0.81 14.05
CA ARG B 79 15.14 -1.63 14.80
C ARG B 79 14.50 -2.61 15.74
N VAL B 80 13.29 -2.29 16.20
CA VAL B 80 12.58 -3.13 17.16
C VAL B 80 11.09 -3.46 16.96
N LEU B 81 10.24 -2.45 16.90
CA LEU B 81 8.81 -2.66 16.80
C LEU B 81 8.25 -3.41 15.59
N GLY B 82 8.80 -3.16 14.41
CA GLY B 82 8.28 -3.81 13.23
C GLY B 82 9.01 -5.08 12.90
N ALA B 83 10.31 -5.10 13.17
CA ALA B 83 11.17 -6.23 12.89
C ALA B 83 12.44 -5.94 13.66
N SER B 84 13.40 -6.86 13.61
CA SER B 84 14.67 -6.71 14.30
C SER B 84 15.75 -6.20 13.34
N GLU B 85 16.37 -5.07 13.69
CA GLU B 85 17.41 -4.42 12.89
C GLU B 85 17.15 -4.50 11.36
N THR B 86 16.11 -3.82 10.89
CA THR B 86 15.77 -3.83 9.47
C THR B 86 16.84 -3.20 8.60
N ILE B 87 17.37 -2.06 9.02
CA ILE B 87 18.43 -1.42 8.22
C ILE B 87 19.61 -2.38 8.07
N ALA B 88 19.92 -3.13 9.13
CA ALA B 88 21.03 -4.06 9.09
C ALA B 88 20.71 -5.22 8.12
N ASN B 89 19.47 -5.68 8.12
CA ASN B 89 19.00 -6.77 7.24
C ASN B 89 19.20 -6.34 5.76
N ILE B 90 18.67 -5.16 5.43
CA ILE B 90 18.76 -4.61 4.08
C ILE B 90 20.20 -4.56 3.55
N TYR B 91 21.11 -3.95 4.31
CA TYR B 91 22.50 -3.82 3.89
C TYR B 91 23.27 -5.14 3.83
N THR B 92 23.02 -6.05 4.77
CA THR B 92 23.70 -7.35 4.75
C THR B 92 23.22 -8.10 3.51
N THR B 93 21.91 -8.03 3.26
CA THR B 93 21.29 -8.70 2.10
C THR B 93 21.87 -8.21 0.75
N GLN B 94 21.84 -6.91 0.50
CA GLN B 94 22.42 -6.39 -0.75
C GLN B 94 23.87 -6.84 -0.82
N HIS B 95 24.53 -6.92 0.33
CA HIS B 95 25.92 -7.34 0.39
C HIS B 95 26.09 -8.81 -0.01
N ARG B 96 25.25 -9.68 0.54
CA ARG B 96 25.33 -11.10 0.21
C ARG B 96 25.08 -11.22 -1.30
N LEU B 97 24.06 -10.52 -1.80
CA LEU B 97 23.75 -10.55 -3.23
C LEU B 97 25.00 -10.12 -3.99
N ASP B 98 25.53 -8.95 -3.69
CA ASP B 98 26.72 -8.45 -4.37
C ASP B 98 27.86 -9.46 -4.36
N GLN B 99 28.07 -10.14 -3.24
CA GLN B 99 29.14 -11.11 -3.14
C GLN B 99 28.83 -12.43 -3.85
N GLY B 100 27.56 -12.65 -4.20
CA GLY B 100 27.15 -13.88 -4.86
C GLY B 100 26.92 -15.03 -3.90
N GLU B 101 26.52 -14.72 -2.68
CA GLU B 101 26.25 -15.72 -1.65
C GLU B 101 24.78 -16.17 -1.67
N ILE B 102 23.91 -15.30 -2.20
CA ILE B 102 22.50 -15.61 -2.33
C ILE B 102 22.13 -15.30 -3.77
N SER B 103 20.93 -15.69 -4.18
CA SER B 103 20.49 -15.47 -5.55
C SER B 103 19.61 -14.25 -5.63
N ALA B 104 19.32 -13.82 -6.86
CA ALA B 104 18.50 -12.65 -7.07
C ALA B 104 17.11 -12.84 -6.47
N GLY B 105 16.57 -14.05 -6.59
CA GLY B 105 15.24 -14.34 -6.04
C GLY B 105 15.21 -14.29 -4.52
N ASP B 106 16.31 -14.71 -3.88
CA ASP B 106 16.47 -14.71 -2.42
C ASP B 106 16.53 -13.30 -1.89
N ALA B 107 17.38 -12.48 -2.49
CA ALA B 107 17.54 -11.09 -2.11
C ALA B 107 16.25 -10.28 -2.27
N ALA B 108 15.58 -10.45 -3.41
CA ALA B 108 14.34 -9.72 -3.69
C ALA B 108 13.22 -10.02 -2.67
N VAL B 109 13.09 -11.28 -2.29
CA VAL B 109 12.07 -11.68 -1.31
C VAL B 109 12.33 -10.98 0.03
N VAL B 110 13.59 -10.92 0.43
CA VAL B 110 14.00 -10.26 1.67
C VAL B 110 13.88 -8.73 1.54
N MET B 111 14.36 -8.17 0.42
CA MET B 111 14.29 -6.73 0.22
C MET B 111 12.86 -6.25 0.24
N THR B 112 11.96 -6.98 -0.43
CA THR B 112 10.57 -6.60 -0.51
C THR B 112 9.86 -6.54 0.84
N SER B 113 10.06 -7.55 1.70
CA SER B 113 9.42 -7.55 3.01
C SER B 113 10.03 -6.45 3.85
N ALA B 114 11.34 -6.27 3.72
CA ALA B 114 12.03 -5.22 4.47
C ALA B 114 11.51 -3.83 4.07
N GLN B 115 11.18 -3.63 2.78
CA GLN B 115 10.67 -2.33 2.35
C GLN B 115 9.30 -2.09 2.95
N ILE B 116 8.56 -3.16 3.17
CA ILE B 116 7.23 -3.04 3.77
C ILE B 116 7.33 -2.54 5.24
N THR B 117 8.33 -3.03 5.98
CA THR B 117 8.54 -2.64 7.38
C THR B 117 8.99 -1.19 7.40
N MET B 118 9.92 -0.85 6.50
CA MET B 118 10.45 0.52 6.39
C MET B 118 9.37 1.57 6.20
N GLY B 119 8.40 1.32 5.34
CA GLY B 119 7.38 2.34 5.09
C GLY B 119 6.15 2.35 5.94
N MET B 120 5.96 1.33 6.77
CA MET B 120 4.77 1.25 7.60
C MET B 120 4.45 2.48 8.44
N PRO B 121 5.43 3.02 9.18
CA PRO B 121 5.17 4.21 10.00
C PRO B 121 4.70 5.41 9.17
N TYR B 122 5.24 5.54 7.95
CA TYR B 122 4.86 6.65 7.05
C TYR B 122 3.42 6.49 6.61
N ALA B 123 3.06 5.28 6.20
CA ALA B 123 1.71 4.99 5.73
C ALA B 123 0.57 5.19 6.76
N VAL B 124 0.75 4.73 7.99
CA VAL B 124 -0.31 4.94 8.96
C VAL B 124 -0.49 6.41 9.31
N THR B 125 0.63 7.13 9.47
CA THR B 125 0.62 8.57 9.78
C THR B 125 -0.17 9.32 8.71
N ASP B 126 0.11 9.00 7.44
CA ASP B 126 -0.60 9.60 6.31
C ASP B 126 -2.13 9.31 6.36
N ALA B 127 -2.49 8.04 6.60
CA ALA B 127 -3.89 7.60 6.68
C ALA B 127 -4.66 8.25 7.83
N VAL B 128 -3.99 8.37 8.98
CA VAL B 128 -4.53 9.00 10.20
C VAL B 128 -4.66 10.53 10.03
N LEU B 129 -3.64 11.14 9.45
CA LEU B 129 -3.64 12.58 9.25
C LEU B 129 -4.56 13.07 8.14
N ALA B 130 -4.78 12.24 7.11
CA ALA B 130 -5.63 12.58 5.97
C ALA B 130 -7.01 13.22 6.14
N PRO B 131 -7.87 12.73 7.06
CA PRO B 131 -9.16 13.39 7.18
C PRO B 131 -9.13 14.77 7.85
N HIS B 132 -7.96 15.17 8.35
CA HIS B 132 -7.79 16.46 9.00
C HIS B 132 -7.41 17.58 8.03
N ILE B 133 -6.72 17.24 6.94
CA ILE B 133 -6.30 18.21 5.94
C ILE B 133 -7.49 18.66 5.12
N GLY B 134 -7.69 19.97 5.04
CA GLY B 134 -8.78 20.52 4.26
C GLY B 134 -8.25 21.06 2.95
N GLY B 135 -8.94 22.04 2.37
CA GLY B 135 -8.48 22.61 1.11
C GLY B 135 -7.27 23.51 1.25
N GLU B 136 -6.62 23.83 0.14
CA GLU B 136 -5.45 24.70 0.20
C GLU B 136 -5.79 26.11 0.67
N ALA B 137 -4.78 26.83 1.14
CA ALA B 137 -4.99 28.18 1.64
C ALA B 137 -4.04 29.21 1.00
N GLY B 138 -3.09 28.82 0.28
N PRO B 144 -0.07 33.69 9.55
CA PRO B 144 0.97 32.61 9.44
C PRO B 144 0.26 31.29 9.79
N PRO B 145 0.91 30.13 9.55
CA PRO B 145 0.26 28.85 9.86
C PRO B 145 -0.02 28.70 11.35
N ALA B 146 -1.14 28.07 11.72
CA ALA B 146 -1.42 27.89 13.16
C ALA B 146 -0.56 26.75 13.72
N LEU B 147 0.01 25.95 12.81
CA LEU B 147 0.86 24.80 13.14
C LEU B 147 1.71 24.43 11.94
N THR B 148 2.97 24.09 12.21
CA THR B 148 3.85 23.66 11.14
C THR B 148 4.35 22.29 11.55
N LEU B 149 4.21 21.34 10.61
CA LEU B 149 4.63 19.94 10.78
C LEU B 149 5.79 19.67 9.83
N ILE B 150 6.94 19.31 10.38
CA ILE B 150 8.13 18.99 9.59
C ILE B 150 8.27 17.48 9.68
N PHE B 151 8.10 16.78 8.57
CA PHE B 151 8.21 15.32 8.58
C PHE B 151 9.61 14.90 8.15
N ASP B 152 10.07 13.81 8.72
CA ASP B 152 11.35 13.26 8.31
C ASP B 152 10.95 12.22 7.24
N ARG B 153 10.96 12.61 5.97
CA ARG B 153 10.60 11.76 4.80
C ARG B 153 9.09 11.70 4.51
N HIS B 154 8.74 11.42 3.25
CA HIS B 154 7.34 11.29 2.81
C HIS B 154 7.08 9.81 2.47
N PRO B 155 5.83 9.35 2.48
CA PRO B 155 5.59 7.94 2.14
C PRO B 155 6.24 7.45 0.83
N ILE B 156 6.38 8.31 -0.17
CA ILE B 156 6.99 7.91 -1.43
C ILE B 156 8.43 7.51 -1.36
N ALA B 157 9.09 7.83 -0.24
CA ALA B 157 10.49 7.45 -0.06
C ALA B 157 10.56 5.94 0.03
N ALA B 158 9.61 5.37 0.76
CA ALA B 158 9.52 3.91 0.98
C ALA B 158 8.71 3.14 -0.06
N LEU B 159 7.70 3.80 -0.62
CA LEU B 159 6.80 3.25 -1.64
C LEU B 159 7.21 3.50 -3.09
N LEU B 160 8.35 4.15 -3.31
CA LEU B 160 8.81 4.45 -4.66
C LEU B 160 10.32 4.57 -4.83
N CYS B 161 10.92 5.55 -4.14
CA CYS B 161 12.35 5.81 -4.27
C CYS B 161 13.32 4.72 -3.82
N TYR B 162 13.22 4.26 -2.56
CA TYR B 162 14.13 3.19 -2.16
C TYR B 162 13.87 1.89 -2.94
N PRO B 163 12.60 1.56 -3.20
CA PRO B 163 12.36 0.33 -3.97
C PRO B 163 12.94 0.45 -5.39
N ALA B 164 12.76 1.61 -6.01
CA ALA B 164 13.27 1.87 -7.38
C ALA B 164 14.78 1.72 -7.45
N ALA B 165 15.46 2.15 -6.38
CA ALA B 165 16.93 2.09 -6.28
C ALA B 165 17.46 0.68 -6.05
N ARG B 166 16.71 -0.10 -5.26
CA ARG B 166 17.09 -1.49 -5.02
C ARG B 166 16.86 -2.25 -6.30
N TYR B 167 15.86 -1.85 -7.08
CA TYR B 167 15.63 -2.46 -8.37
C TYR B 167 16.90 -2.20 -9.21
N LEU B 168 17.35 -0.96 -9.29
CA LEU B 168 18.57 -0.61 -10.01
C LEU B 168 19.76 -1.39 -9.48
N MET B 169 19.76 -1.68 -8.19
CA MET B 169 20.86 -2.43 -7.57
C MET B 169 20.74 -3.93 -7.80
N GLY B 170 19.62 -4.35 -8.38
CA GLY B 170 19.39 -5.76 -8.66
C GLY B 170 18.81 -6.60 -7.54
N SER B 171 18.27 -5.98 -6.51
CA SER B 171 17.74 -6.74 -5.39
C SER B 171 16.24 -6.62 -5.27
N MET B 172 15.60 -6.18 -6.36
CA MET B 172 14.17 -6.04 -6.36
C MET B 172 13.73 -6.11 -7.81
N THR B 173 12.50 -6.56 -8.03
CA THR B 173 11.93 -6.69 -9.38
C THR B 173 11.10 -5.45 -9.73
N PRO B 174 11.02 -5.09 -11.03
CA PRO B 174 10.23 -3.90 -11.39
C PRO B 174 8.75 -4.13 -11.12
N GLN B 175 8.31 -5.38 -11.15
CA GLN B 175 6.90 -5.69 -10.89
C GLN B 175 6.56 -5.36 -9.44
N ALA B 176 7.52 -5.62 -8.55
CA ALA B 176 7.35 -5.33 -7.12
C ALA B 176 7.36 -3.83 -6.89
N VAL B 177 8.27 -3.11 -7.55
CA VAL B 177 8.34 -1.64 -7.43
C VAL B 177 7.01 -1.00 -7.86
N LEU B 178 6.47 -1.46 -9.01
CA LEU B 178 5.20 -0.94 -9.52
C LEU B 178 4.00 -1.30 -8.62
N ALA B 179 4.10 -2.42 -7.90
CA ALA B 179 3.04 -2.82 -6.95
C ALA B 179 3.04 -1.79 -5.80
N PHE B 180 4.23 -1.45 -5.31
CA PHE B 180 4.38 -0.46 -4.25
C PHE B 180 3.81 0.87 -4.74
N VAL B 181 4.20 1.27 -5.96
CA VAL B 181 3.69 2.52 -6.56
C VAL B 181 2.18 2.54 -6.64
N ALA B 182 1.58 1.38 -6.97
CA ALA B 182 0.13 1.31 -7.07
C ALA B 182 -0.51 1.54 -5.70
N LEU B 183 0.25 1.35 -4.63
CA LEU B 183 -0.26 1.53 -3.27
C LEU B 183 0.05 2.90 -2.64
N ILE B 184 0.71 3.79 -3.40
CA ILE B 184 1.03 5.13 -2.90
C ILE B 184 -0.29 5.80 -2.58
N PRO B 185 -0.46 6.27 -1.34
CA PRO B 185 -1.69 6.93 -0.95
C PRO B 185 -1.99 8.21 -1.76
N PRO B 186 -3.27 8.56 -1.92
CA PRO B 186 -3.63 9.75 -2.68
C PRO B 186 -2.89 10.94 -2.10
N THR B 187 -2.42 11.86 -2.96
CA THR B 187 -1.68 13.02 -2.50
C THR B 187 -2.59 14.10 -1.94
N LEU B 188 -2.42 14.39 -0.66
CA LEU B 188 -3.20 15.41 0.04
C LEU B 188 -2.80 16.81 -0.42
N PRO B 189 -3.75 17.74 -0.44
CA PRO B 189 -3.40 19.09 -0.85
C PRO B 189 -2.34 19.64 0.11
N GLY B 190 -1.45 20.50 -0.37
CA GLY B 190 -0.44 21.07 0.50
C GLY B 190 0.76 20.19 0.73
N THR B 191 0.96 19.21 -0.14
CA THR B 191 2.10 18.35 0.03
C THR B 191 3.35 19.01 -0.51
N ASN B 192 4.05 19.68 0.41
CA ASN B 192 5.29 20.36 0.10
C ASN B 192 6.41 19.39 0.39
N ILE B 193 7.21 19.10 -0.61
CA ILE B 193 8.31 18.17 -0.41
C ILE B 193 9.63 18.82 -0.74
N VAL B 194 10.56 18.74 0.22
CA VAL B 194 11.89 19.30 0.08
C VAL B 194 12.90 18.21 -0.22
N LEU B 195 13.55 18.28 -1.38
CA LEU B 195 14.58 17.32 -1.77
C LEU B 195 15.93 18.05 -1.61
N GLY B 196 17.00 17.31 -1.43
CA GLY B 196 18.27 17.96 -1.23
C GLY B 196 19.30 17.79 -2.30
N ALA B 197 20.24 18.72 -2.33
CA ALA B 197 21.32 18.71 -3.28
C ALA B 197 22.66 18.70 -2.55
N LEU B 198 23.61 17.92 -3.03
CA LEU B 198 24.92 17.81 -2.42
C LEU B 198 25.88 17.07 -3.34
N PRO B 199 26.96 17.72 -3.78
CA PRO B 199 27.95 17.12 -4.67
C PRO B 199 28.33 15.70 -4.25
N GLU B 200 28.56 14.83 -5.23
CA GLU B 200 28.87 13.46 -4.90
C GLU B 200 30.14 13.25 -4.09
N ASP B 201 31.20 13.99 -4.35
CA ASP B 201 32.45 13.83 -3.59
C ASP B 201 32.20 14.21 -2.12
N ARG B 202 31.47 15.31 -1.94
CA ARG B 202 31.09 15.85 -0.64
C ARG B 202 30.16 14.81 0.02
N HIS B 203 29.21 14.29 -0.75
CA HIS B 203 28.25 13.26 -0.29
C HIS B 203 28.99 12.02 0.20
N ILE B 204 29.89 11.50 -0.63
CA ILE B 204 30.68 10.31 -0.31
C ILE B 204 31.42 10.46 1.02
N ASP B 205 32.11 11.58 1.20
CA ASP B 205 32.85 11.82 2.42
C ASP B 205 31.94 11.94 3.61
N ARG B 206 30.75 12.48 3.40
CA ARG B 206 29.78 12.62 4.49
C ARG B 206 29.23 11.28 4.93
N LEU B 207 29.22 10.32 4.03
CA LEU B 207 28.71 9.00 4.37
C LEU B 207 29.73 8.19 5.18
N ALA B 208 31.02 8.30 4.85
CA ALA B 208 32.07 7.54 5.54
C ALA B 208 32.21 7.85 7.04
N LYS B 209 31.06 8.05 7.70
CA LYS B 209 30.96 8.43 9.11
C LYS B 209 29.48 8.34 9.52
N ARG B 210 28.67 9.26 9.00
CA ARG B 210 27.24 9.32 9.30
C ARG B 210 26.44 8.08 8.83
N GLN B 211 26.89 6.90 9.24
CA GLN B 211 26.26 5.62 8.89
C GLN B 211 25.24 5.23 9.95
N ARG B 212 24.12 4.68 9.49
CA ARG B 212 23.04 4.22 10.37
C ARG B 212 23.55 2.90 10.99
N PRO B 213 22.92 2.44 12.07
CA PRO B 213 23.39 1.17 12.65
C PRO B 213 22.89 0.01 11.81
N GLY B 214 23.84 -0.72 11.22
CA GLY B 214 23.52 -1.84 10.37
C GLY B 214 23.76 -1.46 8.92
N GLU B 215 24.03 -0.18 8.70
CA GLU B 215 24.29 0.36 7.39
C GLU B 215 25.73 0.00 6.99
N ARG B 216 25.97 -0.13 5.69
CA ARG B 216 27.30 -0.44 5.17
C ARG B 216 27.59 0.62 4.09
N LEU B 217 28.87 0.94 3.88
CA LEU B 217 29.22 1.94 2.89
C LEU B 217 29.08 1.40 1.46
N ASP B 218 27.88 1.53 0.90
CA ASP B 218 27.65 1.06 -0.46
C ASP B 218 27.52 2.27 -1.36
N LEU B 219 28.60 2.59 -2.08
CA LEU B 219 28.61 3.73 -2.98
C LEU B 219 27.73 3.49 -4.21
N ALA B 220 27.59 2.23 -4.61
CA ALA B 220 26.75 1.88 -5.75
C ALA B 220 25.30 2.20 -5.43
N MET B 221 24.90 1.95 -4.19
CA MET B 221 23.53 2.24 -3.77
C MET B 221 23.36 3.75 -3.59
N LEU B 222 24.45 4.43 -3.26
CA LEU B 222 24.42 5.87 -3.07
C LEU B 222 24.17 6.53 -4.41
N ALA B 223 24.83 6.00 -5.45
CA ALA B 223 24.66 6.52 -6.80
C ALA B 223 23.22 6.30 -7.28
N ALA B 224 22.71 5.09 -7.05
CA ALA B 224 21.36 4.72 -7.45
C ALA B 224 20.31 5.61 -6.81
N ILE B 225 20.46 5.88 -5.52
CA ILE B 225 19.51 6.70 -4.79
C ILE B 225 19.61 8.18 -5.12
N ARG B 226 20.81 8.65 -5.40
CA ARG B 226 20.99 10.02 -5.80
C ARG B 226 20.32 10.11 -7.16
N ARG B 227 20.59 9.15 -8.03
CA ARG B 227 19.94 9.15 -9.35
C ARG B 227 18.40 9.10 -9.28
N VAL B 228 17.84 8.19 -8.48
CA VAL B 228 16.39 8.10 -8.35
C VAL B 228 15.72 9.41 -7.90
N TYR B 229 16.28 10.08 -6.89
CA TYR B 229 15.70 11.35 -6.43
C TYR B 229 15.84 12.47 -7.47
N GLY B 230 16.88 12.40 -8.29
CA GLY B 230 17.09 13.36 -9.34
C GLY B 230 15.96 13.18 -10.37
N LEU B 231 15.62 11.91 -10.64
CA LEU B 231 14.55 11.58 -11.56
C LEU B 231 13.24 12.04 -10.96
N LEU B 232 13.05 11.81 -9.66
CA LEU B 232 11.82 12.23 -9.00
C LEU B 232 11.57 13.71 -9.25
N ALA B 233 12.59 14.52 -9.01
CA ALA B 233 12.48 15.97 -9.21
C ALA B 233 12.04 16.32 -10.64
N ASN B 234 12.69 15.70 -11.63
CA ASN B 234 12.38 15.96 -13.04
C ASN B 234 10.99 15.51 -13.41
N THR B 235 10.57 14.38 -12.83
CA THR B 235 9.25 13.83 -13.09
C THR B 235 8.18 14.79 -12.66
N VAL B 236 8.38 15.44 -11.52
CA VAL B 236 7.36 16.39 -11.04
C VAL B 236 7.24 17.61 -11.99
N ARG B 237 8.37 18.17 -12.40
CA ARG B 237 8.30 19.31 -13.31
C ARG B 237 7.80 18.86 -14.70
N TYR B 238 8.26 17.70 -15.17
CA TYR B 238 7.83 17.14 -16.43
C TYR B 238 6.30 17.14 -16.42
N LEU B 239 5.70 16.63 -15.34
CA LEU B 239 4.25 16.53 -15.24
C LEU B 239 3.58 17.87 -15.07
N GLN B 240 4.24 18.76 -14.34
CA GLN B 240 3.65 20.06 -14.12
C GLN B 240 3.75 20.95 -15.36
N CYS B 241 4.66 20.61 -16.25
CA CYS B 241 4.86 21.32 -17.50
C CYS B 241 3.99 20.72 -18.60
N GLY B 242 3.06 19.84 -18.22
CA GLY B 242 2.18 19.20 -19.19
C GLY B 242 2.62 17.87 -19.82
N GLY B 243 3.71 17.28 -19.35
CA GLY B 243 4.18 16.02 -19.91
C GLY B 243 3.15 14.94 -19.79
N SER B 244 3.16 14.03 -20.76
CA SER B 244 2.23 12.90 -20.79
C SER B 244 3.10 11.73 -21.18
N TRP B 245 3.39 10.87 -20.20
CA TRP B 245 4.25 9.71 -20.43
C TRP B 245 3.78 8.82 -21.56
N ARG B 246 2.46 8.71 -21.72
CA ARG B 246 1.88 7.88 -22.78
C ARG B 246 2.23 8.48 -24.16
N GLU B 247 2.12 9.81 -24.28
CA GLU B 247 2.44 10.51 -25.53
C GLU B 247 3.93 10.42 -25.86
N ASP B 248 4.79 10.50 -24.84
CA ASP B 248 6.23 10.47 -25.08
C ASP B 248 6.95 9.15 -24.86
N TRP B 249 6.20 8.07 -24.62
CA TRP B 249 6.81 6.78 -24.38
C TRP B 249 7.74 6.35 -25.50
N GLY B 250 7.36 6.62 -26.73
CA GLY B 250 8.23 6.23 -27.82
C GLY B 250 9.57 6.95 -27.87
N GLN B 251 9.71 8.01 -27.09
CA GLN B 251 10.94 8.79 -27.10
C GLN B 251 12.06 8.16 -26.30
N LEU B 252 11.75 7.13 -25.52
CA LEU B 252 12.76 6.47 -24.71
C LEU B 252 13.61 5.60 -25.60
N SER B 253 13.01 4.81 -26.36
N ALA B 268 11.10 24.85 -11.19
CA ALA B 268 11.20 25.87 -12.29
C ALA B 268 12.06 25.30 -13.42
N GLY B 269 12.11 25.96 -14.56
CA GLY B 269 12.92 25.47 -15.67
C GLY B 269 12.11 24.95 -16.84
N PRO B 270 12.74 24.39 -17.87
CA PRO B 270 11.93 23.90 -18.98
C PRO B 270 11.44 22.46 -18.72
N ARG B 271 10.48 21.98 -19.52
CA ARG B 271 9.95 20.61 -19.39
C ARG B 271 11.06 19.62 -19.75
N PRO B 272 11.36 18.68 -18.85
CA PRO B 272 12.40 17.68 -19.08
C PRO B 272 12.03 16.58 -20.12
N HIS B 273 13.05 15.87 -20.60
CA HIS B 273 12.85 14.77 -21.54
C HIS B 273 12.42 13.56 -20.68
N ILE B 274 11.41 12.79 -21.13
CA ILE B 274 10.91 11.61 -20.42
C ILE B 274 12.05 10.67 -20.00
N GLY B 275 13.10 10.64 -20.80
CA GLY B 275 14.27 9.83 -20.51
C GLY B 275 15.01 10.31 -19.25
N ASP B 276 14.66 11.50 -18.79
CA ASP B 276 15.25 12.09 -17.57
C ASP B 276 14.20 12.00 -16.43
N THR B 277 13.13 11.23 -16.62
CA THR B 277 12.07 11.09 -15.63
C THR B 277 12.08 9.66 -15.08
N LEU B 278 11.21 9.35 -14.11
CA LEU B 278 11.16 8.00 -13.50
C LEU B 278 10.63 6.97 -14.50
N PHE B 279 9.82 7.45 -15.43
CA PHE B 279 9.23 6.59 -16.44
C PHE B 279 10.28 5.79 -17.16
N THR B 280 11.47 6.35 -17.30
CA THR B 280 12.53 5.66 -18.00
C THR B 280 13.02 4.37 -17.34
N LEU B 281 12.75 4.17 -16.06
CA LEU B 281 13.21 2.95 -15.39
C LEU B 281 12.30 1.75 -15.70
N PHE B 282 11.10 2.03 -16.18
CA PHE B 282 10.14 1.00 -16.46
C PHE B 282 10.06 0.55 -17.92
N ARG B 283 11.21 0.62 -18.58
CA ARG B 283 11.41 0.19 -19.95
C ARG B 283 12.13 -1.14 -19.80
N ALA B 284 11.64 -1.97 -18.88
CA ALA B 284 12.26 -3.26 -18.59
C ALA B 284 11.54 -4.39 -19.34
N PRO B 285 12.29 -5.36 -19.89
CA PRO B 285 11.72 -6.49 -20.65
C PRO B 285 10.68 -7.33 -19.94
N GLU B 286 10.73 -7.33 -18.60
CA GLU B 286 9.78 -8.08 -17.78
C GLU B 286 8.41 -7.43 -17.88
N LEU B 287 8.42 -6.13 -18.17
CA LEU B 287 7.19 -5.39 -18.22
C LEU B 287 6.56 -5.34 -19.58
N LEU B 288 7.28 -5.84 -20.57
CA LEU B 288 6.86 -5.79 -21.99
C LEU B 288 6.25 -7.01 -22.65
N ALA B 289 5.10 -6.78 -23.29
CA ALA B 289 4.39 -7.82 -24.01
C ALA B 289 5.19 -8.17 -25.27
N PRO B 290 4.87 -9.31 -25.91
CA PRO B 290 5.57 -9.73 -27.14
C PRO B 290 5.61 -8.67 -28.26
N ASN B 291 4.64 -7.77 -28.30
CA ASN B 291 4.61 -6.73 -29.34
C ASN B 291 5.45 -5.47 -29.06
N GLY B 292 6.21 -5.49 -27.97
CA GLY B 292 7.06 -4.37 -27.61
C GLY B 292 6.48 -3.34 -26.65
N ASP B 293 5.17 -3.37 -26.47
CA ASP B 293 4.50 -2.44 -25.57
C ASP B 293 4.43 -2.96 -24.14
N LEU B 294 4.14 -2.07 -23.20
CA LEU B 294 4.01 -2.47 -21.80
C LEU B 294 2.68 -3.18 -21.57
N TYR B 295 2.71 -4.17 -20.68
CA TYR B 295 1.48 -4.84 -20.33
C TYR B 295 0.60 -3.74 -19.71
N ASN B 296 -0.70 -3.82 -19.92
CA ASN B 296 -1.63 -2.84 -19.40
C ASN B 296 -1.62 -2.62 -17.91
N VAL B 297 -1.40 -3.69 -17.15
CA VAL B 297 -1.35 -3.61 -15.69
C VAL B 297 -0.22 -2.70 -15.24
N PHE B 298 0.90 -2.75 -15.95
CA PHE B 298 2.07 -1.93 -15.66
C PHE B 298 1.89 -0.49 -16.17
N ALA B 299 1.17 -0.34 -17.28
CA ALA B 299 0.89 0.98 -17.82
C ALA B 299 -0.02 1.71 -16.82
N TRP B 300 -1.05 1.02 -16.34
CA TRP B 300 -1.97 1.62 -15.37
C TRP B 300 -1.24 2.03 -14.09
N ALA B 301 -0.13 1.36 -13.78
CA ALA B 301 0.63 1.68 -12.58
C ALA B 301 1.33 3.02 -12.81
N LEU B 302 1.79 3.26 -14.04
CA LEU B 302 2.45 4.53 -14.34
C LEU B 302 1.44 5.70 -14.34
N ASP B 303 0.17 5.39 -14.65
CA ASP B 303 -0.93 6.37 -14.63
C ASP B 303 -1.13 6.84 -13.20
N VAL B 304 -0.98 5.92 -12.26
CA VAL B 304 -1.10 6.23 -10.85
C VAL B 304 0.08 7.08 -10.43
N LEU B 305 1.29 6.67 -10.81
CA LEU B 305 2.50 7.43 -10.49
C LEU B 305 2.41 8.90 -10.92
N ALA B 306 1.97 9.12 -12.17
CA ALA B 306 1.81 10.45 -12.72
C ALA B 306 0.74 11.21 -11.94
N LYS B 307 -0.32 10.53 -11.52
CA LYS B 307 -1.38 11.18 -10.75
C LYS B 307 -0.88 11.56 -9.37
N ARG B 308 -0.05 10.72 -8.73
CA ARG B 308 0.47 11.04 -7.39
C ARG B 308 1.49 12.20 -7.35
N LEU B 309 2.51 12.15 -8.21
CA LEU B 309 3.56 13.18 -8.24
C LEU B 309 3.18 14.55 -8.84
N ARG B 310 2.17 14.58 -9.70
CA ARG B 310 1.78 15.80 -10.38
C ARG B 310 1.22 16.92 -9.50
N SER B 311 0.71 16.60 -8.32
CA SER B 311 0.16 17.62 -7.43
C SER B 311 1.07 17.95 -6.22
N MET B 312 2.29 17.40 -6.22
CA MET B 312 3.24 17.66 -5.15
C MET B 312 4.01 18.93 -5.48
N HIS B 313 4.36 19.66 -4.43
CA HIS B 313 5.10 20.91 -4.58
C HIS B 313 6.50 20.60 -4.14
N VAL B 314 7.39 20.54 -5.12
CA VAL B 314 8.78 20.22 -4.86
C VAL B 314 9.72 21.43 -4.79
N PHE B 315 10.63 21.37 -3.81
CA PHE B 315 11.64 22.41 -3.59
C PHE B 315 12.97 21.73 -3.34
N ILE B 316 14.05 22.34 -3.81
CA ILE B 316 15.39 21.75 -3.66
C ILE B 316 16.22 22.57 -2.65
N LEU B 317 16.76 21.91 -1.64
CA LEU B 317 17.59 22.59 -0.64
C LEU B 317 19.02 22.18 -0.89
N ASP B 318 19.92 23.14 -0.82
CA ASP B 318 21.35 22.91 -1.01
C ASP B 318 21.96 22.49 0.33
N TYR B 319 22.47 21.26 0.41
CA TYR B 319 23.06 20.78 1.65
C TYR B 319 24.56 21.02 1.71
N ASP B 320 25.09 21.71 0.71
CA ASP B 320 26.50 21.97 0.67
C ASP B 320 26.85 23.25 1.44
N GLN B 321 26.63 23.22 2.75
CA GLN B 321 26.89 24.35 3.62
C GLN B 321 26.83 23.90 5.09
N SER B 322 27.09 24.81 6.01
CA SER B 322 27.06 24.45 7.42
C SER B 322 25.63 24.13 7.84
N PRO B 323 25.47 23.44 8.98
CA PRO B 323 24.13 23.10 9.44
C PRO B 323 23.24 24.32 9.61
N ALA B 324 23.79 25.42 10.15
CA ALA B 324 23.02 26.67 10.34
C ALA B 324 22.63 27.31 8.98
N GLY B 325 23.50 27.11 7.98
CA GLY B 325 23.21 27.61 6.64
C GLY B 325 22.01 26.85 6.14
N CYS B 326 22.12 25.52 6.10
CA CYS B 326 21.00 24.67 5.65
C CYS B 326 19.67 25.06 6.32
N ARG B 327 19.71 25.27 7.63
CA ARG B 327 18.52 25.64 8.41
C ARG B 327 17.91 26.95 7.91
N ASP B 328 18.75 27.96 7.70
CA ASP B 328 18.26 29.27 7.25
C ASP B 328 17.76 29.22 5.82
N ALA B 329 18.46 28.44 5.00
CA ALA B 329 18.07 28.23 3.61
C ALA B 329 16.70 27.54 3.58
N LEU B 330 16.50 26.59 4.48
CA LEU B 330 15.25 25.88 4.55
C LEU B 330 14.21 26.79 5.09
N LEU B 331 14.59 27.65 6.03
CA LEU B 331 13.59 28.55 6.58
C LEU B 331 13.13 29.51 5.50
N GLN B 332 14.00 29.85 4.55
CA GLN B 332 13.56 30.75 3.46
C GLN B 332 12.62 30.04 2.45
N LEU B 333 12.92 28.79 2.11
CA LEU B 333 12.07 28.04 1.18
C LEU B 333 10.66 27.96 1.75
N THR B 334 10.57 27.86 3.07
CA THR B 334 9.30 27.73 3.79
C THR B 334 8.27 28.87 3.69
N SER B 335 8.71 30.13 3.72
CA SER B 335 7.76 31.26 3.61
C SER B 335 6.86 31.20 2.36
N GLY B 336 7.38 30.63 1.27
CA GLY B 336 6.56 30.53 0.07
C GLY B 336 6.00 29.14 -0.23
N MET B 337 5.74 28.34 0.81
CA MET B 337 5.19 26.99 0.64
C MET B 337 3.69 26.99 0.86
N VAL B 338 3.02 26.08 0.16
CA VAL B 338 1.56 25.94 0.23
C VAL B 338 1.00 25.39 1.57
N GLN B 339 0.03 26.12 2.13
CA GLN B 339 -0.63 25.75 3.37
C GLN B 339 -2.02 25.19 3.05
N THR B 340 -2.69 24.66 4.07
CA THR B 340 -4.03 24.13 3.86
C THR B 340 -4.84 24.46 5.11
N HIS B 341 -6.15 24.36 5.01
CA HIS B 341 -7.02 24.57 6.15
C HIS B 341 -7.14 23.17 6.76
N VAL B 342 -7.53 23.09 8.03
CA VAL B 342 -7.75 21.80 8.64
C VAL B 342 -9.27 21.68 8.61
N THR B 343 -9.77 20.46 8.68
CA THR B 343 -11.19 20.20 8.58
C THR B 343 -12.06 20.48 9.80
N THR B 344 -11.52 20.25 10.98
CA THR B 344 -12.29 20.42 12.20
C THR B 344 -11.59 21.44 13.11
N PRO B 345 -12.30 21.96 14.12
CA PRO B 345 -11.64 22.94 15.01
C PRO B 345 -10.51 22.30 15.84
N GLY B 346 -10.72 21.04 16.24
CA GLY B 346 -9.74 20.31 17.04
C GLY B 346 -8.72 19.47 16.27
N SER B 347 -8.56 19.74 14.98
CA SER B 347 -7.59 18.98 14.21
C SER B 347 -6.17 19.33 14.64
N ILE B 348 -5.91 20.62 14.86
CA ILE B 348 -4.58 21.13 15.25
C ILE B 348 -3.97 20.44 16.48
N PRO B 349 -4.64 20.51 17.65
CA PRO B 349 -4.11 19.86 18.85
C PRO B 349 -4.03 18.37 18.66
N THR B 350 -5.06 17.81 18.01
CA THR B 350 -5.08 16.38 17.71
C THR B 350 -3.82 16.06 16.91
N ILE B 351 -3.56 16.86 15.87
CA ILE B 351 -2.38 16.66 15.02
C ILE B 351 -1.12 16.81 15.86
N CYS B 352 -1.14 17.74 16.82
CA CYS B 352 0.02 17.93 17.70
C CYS B 352 0.34 16.66 18.49
N ASP B 353 -0.69 16.10 19.10
CA ASP B 353 -0.54 14.89 19.90
C ASP B 353 -0.03 13.74 19.05
N LEU B 354 -0.57 13.59 17.85
CA LEU B 354 -0.14 12.52 16.92
C LEU B 354 1.36 12.58 16.62
N ALA B 355 1.86 13.76 16.24
CA ALA B 355 3.28 13.90 15.95
C ALA B 355 4.12 13.65 17.20
N ARG B 356 3.64 14.14 18.33
CA ARG B 356 4.33 13.97 19.61
C ARG B 356 4.33 12.50 20.04
N THR B 357 3.19 11.84 19.88
CA THR B 357 3.13 10.41 20.22
C THR B 357 4.01 9.60 19.28
N PHE B 358 3.99 9.95 17.99
CA PHE B 358 4.81 9.27 16.98
C PHE B 358 6.26 9.41 17.37
N ALA B 359 6.65 10.65 17.71
CA ALA B 359 8.03 10.97 18.08
C ALA B 359 8.51 10.23 19.33
N ARG B 360 7.70 10.32 20.38
CA ARG B 360 7.96 9.65 21.65
C ARG B 360 8.15 8.13 21.46
N GLU B 361 7.23 7.49 20.73
CA GLU B 361 7.30 6.05 20.50
C GLU B 361 8.31 5.56 19.48
N MET B 362 8.36 6.20 18.31
CA MET B 362 9.25 5.75 17.24
C MET B 362 10.60 6.43 16.98
N GLY B 363 10.82 7.59 17.58
CA GLY B 363 12.08 8.27 17.41
C GLY B 363 13.20 7.49 18.08
N GLU B 364 14.40 7.59 17.51
CA GLU B 364 15.60 6.88 17.98
C GLU B 364 16.75 7.06 16.97
N ALA B 365 16.46 7.41 15.79
#